data_6D4O
#
_entry.id   6D4O
#
_cell.length_a   179.954
_cell.length_b   179.954
_cell.length_c   134.941
_cell.angle_alpha   90.00
_cell.angle_beta   90.00
_cell.angle_gamma   120.00
#
_symmetry.space_group_name_H-M   'P 64 2 2'
#
loop_
_entity.id
_entity.type
_entity.pdbx_description
1 polymer Beta-glucuronidase
2 non-polymer (5aR,9aR)-2-chloro-11-(4-beta-D-glucopyranuronosylpiperazin-1-yl)-5a,6,9,9a-tetrahydrodibenzo[b,f][1,4]oxazepine
3 non-polymer 'CHLORIDE ION'
4 non-polymer 'SODIUM ION'
5 water water
#
_entity_poly.entity_id   1
_entity_poly.type   'polypeptide(L)'
_entity_poly.pdbx_seq_one_letter_code
;SNAMLYPVLTQSRLLSDLSGVWNFKLDNGKGFEEKWYEKPLKDADTMPVPASYNDLKEGTDFRDHYGWVFYQRNISVPEY
VKSQRIVLRCAAVTHYAMIYLNGKLICEHKGGFLPFEVELNDDLQDGDNLLTIAVNNVIDYTTLPVGGKANMMSGMMGGM
GAGASDKPQNNPNFDFFNYCGITRPVKIYTTPETYINDITVTADIDFTKEEPSAVLNYNVEIKGKDYNNITCKVELFDEE
GTKLSETEGSEGTFEISNVRLWQPLNAYLYKIKVTAGQDVYTLPYGVRSVRVDGTKFLINEKPFYFKGYGKHEDTFPNGR
GINLPMNTKDISIMKWQHANSFRTSHYPYSEEMMRLCDEEGIVVIDETTAVGVNLQFGGGANFGGERIGTFDKEHGVQTQ
EHHKDVIRDLISRDKNHACVVMWSIANEPDSAAEGAYDYFKPLYDLARELDPQKRPCTLVSVQGTTADTDCSSQLSDVIC
LNRYYGWYFGGPDLEVSETGLRKELSDWGKLGKPVMFTEYGADTVSGLHDTTSVMYTEEYQVEYYEMNNKVFDEFDFVVG
EQAWNFADFATSQSLLRVQGNKKGLFTRDRKPKMVAHYFRNRWSAIPEFGYKTK
;
_entity_poly.pdbx_strand_id   A
#
loop_
_chem_comp.id
_chem_comp.type
_chem_comp.name
_chem_comp.formula
CL non-polymer 'CHLORIDE ION' 'Cl -1'
FUV non-polymer (5aR,9aR)-2-chloro-11-(4-beta-D-glucopyranuronosylpiperazin-1-yl)-5a,6,9,9a-tetrahydrodibenzo[b,f][1,4]oxazepine 'C23 H28 Cl N3 O7'
NA non-polymer 'SODIUM ION' 'Na 1'
#
# COMPACT_ATOMS: atom_id res chain seq x y z
N ASN A 2 8.41 16.82 1.15
CA ASN A 2 7.83 16.47 -0.15
C ASN A 2 8.50 15.25 -0.77
N ALA A 3 9.84 15.27 -0.85
CA ALA A 3 10.61 14.22 -1.50
C ALA A 3 11.22 13.29 -0.45
N MET A 4 11.06 11.98 -0.66
CA MET A 4 11.52 10.95 0.29
C MET A 4 12.32 9.91 -0.47
N LEU A 5 13.63 10.12 -0.55
CA LEU A 5 14.53 9.10 -1.08
C LEU A 5 14.82 8.08 0.01
N TYR A 6 14.87 6.81 -0.37
CA TYR A 6 15.02 5.73 0.60
C TYR A 6 16.42 5.77 1.19
N PRO A 7 16.58 5.95 2.50
CA PRO A 7 17.92 6.07 3.08
C PRO A 7 18.72 4.78 2.93
N VAL A 8 19.98 4.93 2.50
CA VAL A 8 20.88 3.83 2.18
C VAL A 8 22.27 4.21 2.66
N LEU A 9 23.10 3.21 2.94
CA LEU A 9 24.51 3.47 3.18
C LEU A 9 25.15 3.92 1.87
N THR A 10 25.79 5.10 1.90
CA THR A 10 26.45 5.68 0.74
C THR A 10 27.83 6.16 1.15
N GLN A 11 28.59 6.62 0.16
CA GLN A 11 29.92 7.18 0.42
C GLN A 11 29.88 8.48 1.22
N SER A 12 28.69 9.09 1.39
CA SER A 12 28.55 10.37 2.07
C SER A 12 27.44 10.38 3.10
N ARG A 13 26.68 9.29 3.23
CA ARG A 13 25.55 9.23 4.12
C ARG A 13 25.68 8.07 5.07
N LEU A 14 25.42 8.34 6.36
CA LEU A 14 25.36 7.29 7.37
C LEU A 14 24.01 6.59 7.28
N LEU A 15 23.77 5.66 8.22
CA LEU A 15 22.48 5.02 8.40
C LEU A 15 22.47 4.27 9.73
N SER A 16 22.11 4.97 10.80
CA SER A 16 22.02 4.39 12.14
C SER A 16 20.57 4.02 12.43
N ASP A 17 20.22 2.75 12.17
CA ASP A 17 18.90 2.22 12.50
C ASP A 17 18.70 2.22 14.01
N LEU A 18 17.66 2.90 14.49
CA LEU A 18 17.34 2.95 15.92
C LEU A 18 16.44 1.81 16.36
N SER A 19 16.24 0.80 15.52
CA SER A 19 15.33 -0.28 15.82
C SER A 19 15.83 -1.13 16.98
N GLY A 20 14.92 -1.52 17.86
CA GLY A 20 15.24 -2.33 19.00
C GLY A 20 14.12 -2.22 20.03
N VAL A 21 14.40 -2.68 21.23
CA VAL A 21 13.44 -2.54 22.30
C VAL A 21 13.53 -1.12 22.85
N TRP A 22 12.38 -0.45 22.93
CA TRP A 22 12.31 0.89 23.49
C TRP A 22 11.52 0.84 24.79
N ASN A 23 11.52 1.97 25.50
CA ASN A 23 10.60 2.17 26.59
C ASN A 23 9.22 2.49 26.03
N PHE A 24 8.18 2.18 26.80
CA PHE A 24 6.82 2.26 26.26
C PHE A 24 5.84 2.35 27.41
N LYS A 25 4.85 3.22 27.27
CA LYS A 25 3.81 3.39 28.28
C LYS A 25 2.52 3.79 27.59
N LEU A 26 1.42 3.13 27.91
CA LEU A 26 0.11 3.60 27.49
C LEU A 26 -0.26 4.87 28.24
N ASP A 27 -0.76 5.87 27.51
CA ASP A 27 -1.29 7.05 28.16
C ASP A 27 -2.57 6.71 28.91
N ASN A 28 -2.72 7.27 30.10
CA ASN A 28 -3.92 7.16 30.90
C ASN A 28 -4.81 8.40 30.83
N GLY A 29 -4.44 9.38 30.00
CA GLY A 29 -5.14 10.63 29.92
C GLY A 29 -4.41 11.80 30.56
N LYS A 30 -3.29 11.54 31.23
CA LYS A 30 -2.54 12.58 31.91
C LYS A 30 -1.13 12.73 31.35
N GLY A 31 -0.80 12.00 30.28
CA GLY A 31 0.57 11.99 29.81
C GLY A 31 1.07 13.34 29.36
N PHE A 32 0.18 14.21 28.90
CA PHE A 32 0.60 15.50 28.36
C PHE A 32 0.64 16.58 29.42
N GLU A 33 -0.36 16.65 30.29
CA GLU A 33 -0.29 17.61 31.39
C GLU A 33 0.86 17.27 32.34
N GLU A 34 1.14 15.98 32.55
CA GLU A 34 2.28 15.57 33.36
C GLU A 34 3.59 15.61 32.59
N LYS A 35 3.54 15.88 31.29
CA LYS A 35 4.70 16.08 30.43
C LYS A 35 5.71 14.94 30.59
N TRP A 36 5.27 13.74 30.18
CA TRP A 36 6.13 12.58 30.24
C TRP A 36 7.29 12.66 29.24
N TYR A 37 7.16 13.48 28.19
CA TYR A 37 8.18 13.52 27.17
C TYR A 37 9.42 14.31 27.59
N GLU A 38 9.41 14.90 28.79
CA GLU A 38 10.56 15.66 29.25
C GLU A 38 11.52 14.81 30.06
N LYS A 39 11.00 13.91 30.90
CA LYS A 39 11.77 13.02 31.75
C LYS A 39 11.55 11.56 31.36
N PRO A 40 12.53 10.69 31.63
CA PRO A 40 12.39 9.28 31.26
C PRO A 40 11.16 8.64 31.89
N LEU A 41 10.57 7.70 31.15
CA LEU A 41 9.27 7.16 31.49
C LEU A 41 9.33 6.31 32.74
N LYS A 42 8.48 6.63 33.71
CA LYS A 42 8.41 5.89 34.96
C LYS A 42 7.39 4.76 34.85
N ASP A 43 7.68 3.65 35.55
CA ASP A 43 6.84 2.44 35.51
C ASP A 43 6.67 1.95 34.09
N ALA A 44 7.75 2.01 33.31
CA ALA A 44 7.66 1.79 31.89
C ALA A 44 7.57 0.32 31.54
N ASP A 45 7.02 0.06 30.36
CA ASP A 45 6.99 -1.24 29.74
C ASP A 45 8.03 -1.28 28.62
N THR A 46 8.13 -2.42 27.97
CA THR A 46 9.09 -2.58 26.89
C THR A 46 8.34 -2.87 25.59
N MET A 47 8.90 -2.39 24.49
CA MET A 47 8.25 -2.56 23.20
C MET A 47 9.27 -2.47 22.08
N PRO A 48 9.32 -3.45 21.18
CA PRO A 48 10.29 -3.39 20.08
C PRO A 48 9.77 -2.52 18.94
N VAL A 49 10.66 -1.76 18.33
CA VAL A 49 10.32 -1.02 17.12
C VAL A 49 11.26 -1.54 16.05
N PRO A 50 10.80 -1.67 14.79
CA PRO A 50 9.43 -1.37 14.39
C PRO A 50 8.45 -2.48 14.67
N ALA A 51 7.22 -2.14 15.05
CA ALA A 51 6.14 -3.12 15.19
C ALA A 51 4.85 -2.42 15.61
N SER A 52 3.71 -2.96 15.20
CA SER A 52 2.46 -2.58 15.84
C SER A 52 2.48 -3.12 17.27
N TYR A 53 1.97 -2.34 18.20
CA TYR A 53 2.05 -2.75 19.59
C TYR A 53 0.84 -3.56 20.06
N ASN A 54 -0.18 -3.76 19.24
CA ASN A 54 -1.46 -4.19 19.79
C ASN A 54 -1.42 -5.62 20.28
N ASP A 55 -0.71 -6.48 19.55
CA ASP A 55 -0.67 -7.89 19.84
C ASP A 55 0.51 -8.31 20.72
N LEU A 56 1.32 -7.36 21.19
CA LEU A 56 2.60 -7.67 21.84
C LEU A 56 2.52 -7.68 23.37
N LYS A 57 1.36 -7.42 23.96
CA LYS A 57 1.11 -7.68 25.36
C LYS A 57 -0.25 -8.35 25.44
N GLU A 58 -0.64 -8.76 26.65
CA GLU A 58 -1.86 -9.51 26.83
C GLU A 58 -2.95 -8.62 27.40
N GLY A 59 -4.19 -8.90 27.03
CA GLY A 59 -5.25 -8.16 27.66
C GLY A 59 -6.01 -7.31 26.67
N THR A 60 -7.35 -7.40 26.75
CA THR A 60 -8.20 -6.63 25.85
C THR A 60 -8.05 -5.13 26.07
N ASP A 61 -7.79 -4.71 27.31
CA ASP A 61 -7.56 -3.28 27.55
C ASP A 61 -6.33 -2.78 26.81
N PHE A 62 -5.31 -3.61 26.67
CA PHE A 62 -4.13 -3.22 25.90
C PHE A 62 -4.39 -3.29 24.39
N ARG A 63 -4.98 -4.39 23.91
CA ARG A 63 -5.16 -4.54 22.47
C ARG A 63 -6.14 -3.52 21.93
N ASP A 64 -7.20 -3.22 22.69
CA ASP A 64 -8.25 -2.31 22.24
C ASP A 64 -8.08 -0.91 22.80
N HIS A 65 -6.85 -0.58 23.21
CA HIS A 65 -6.56 0.71 23.82
C HIS A 65 -6.97 1.85 22.91
N TYR A 66 -7.53 2.90 23.51
CA TYR A 66 -8.00 4.08 22.78
C TYR A 66 -7.13 5.27 23.14
N GLY A 67 -6.43 5.83 22.14
CA GLY A 67 -5.75 7.08 22.36
C GLY A 67 -4.27 7.14 22.07
N TRP A 68 -3.48 7.52 23.06
CA TRP A 68 -2.06 7.77 22.90
C TRP A 68 -1.23 6.65 23.53
N VAL A 69 -0.02 6.46 22.99
CA VAL A 69 1.02 5.69 23.64
C VAL A 69 2.30 6.50 23.54
N PHE A 70 3.25 6.17 24.42
CA PHE A 70 4.52 6.90 24.48
C PHE A 70 5.67 5.93 24.30
N TYR A 71 6.40 6.05 23.19
CA TYR A 71 7.70 5.43 23.02
C TYR A 71 8.79 6.38 23.53
N GLN A 72 9.93 5.81 23.92
CA GLN A 72 11.06 6.60 24.38
C GLN A 72 12.35 5.80 24.22
N ARG A 73 13.46 6.50 23.99
CA ARG A 73 14.74 5.87 23.73
C ARG A 73 15.83 6.93 23.70
N ASN A 74 16.99 6.62 24.25
CA ASN A 74 18.10 7.56 24.23
C ASN A 74 18.83 7.46 22.90
N ILE A 75 19.32 8.60 22.42
CA ILE A 75 20.14 8.62 21.21
C ILE A 75 21.33 9.53 21.44
N SER A 76 22.45 9.20 20.78
CA SER A 76 23.71 9.92 20.97
C SER A 76 24.53 9.86 19.70
N VAL A 77 25.02 11.01 19.25
CA VAL A 77 25.90 11.08 18.09
C VAL A 77 27.24 11.64 18.54
N PRO A 78 28.36 11.07 18.12
CA PRO A 78 29.66 11.71 18.39
C PRO A 78 29.75 13.05 17.68
N GLU A 79 30.46 13.99 18.31
CA GLU A 79 30.43 15.37 17.85
C GLU A 79 31.12 15.56 16.50
N TYR A 80 32.05 14.68 16.11
CA TYR A 80 32.64 14.81 14.79
C TYR A 80 31.64 14.57 13.67
N VAL A 81 30.47 14.05 13.99
CA VAL A 81 29.41 13.87 12.99
C VAL A 81 28.56 15.13 12.83
N LYS A 82 28.57 16.05 13.80
CA LYS A 82 27.76 17.25 13.75
C LYS A 82 28.10 18.17 12.57
N SER A 83 29.23 17.95 11.90
CA SER A 83 29.58 18.72 10.71
C SER A 83 28.64 18.43 9.54
N GLN A 84 27.93 17.30 9.57
CA GLN A 84 26.99 16.92 8.53
C GLN A 84 25.56 17.26 8.97
N ARG A 85 24.62 17.01 8.07
CA ARG A 85 23.20 17.03 8.42
C ARG A 85 22.83 15.79 9.21
N ILE A 86 21.98 15.96 10.22
CA ILE A 86 21.52 14.85 11.06
C ILE A 86 19.99 14.84 10.99
N VAL A 87 19.44 14.01 10.11
CA VAL A 87 18.00 13.95 9.89
C VAL A 87 17.46 12.61 10.40
N LEU A 88 16.32 12.67 11.10
CA LEU A 88 15.64 11.51 11.67
C LEU A 88 14.41 11.18 10.82
N ARG A 89 14.44 10.02 10.17
CA ARG A 89 13.42 9.63 9.21
C ARG A 89 12.55 8.51 9.77
N CYS A 90 11.30 8.85 10.11
CA CYS A 90 10.29 7.87 10.52
C CYS A 90 9.63 7.27 9.28
N ALA A 91 9.89 5.98 9.02
CA ALA A 91 9.37 5.36 7.81
C ALA A 91 7.84 5.27 7.84
N ALA A 92 7.24 5.19 9.04
CA ALA A 92 5.80 5.25 9.21
C ALA A 92 5.49 5.24 10.70
N VAL A 93 4.49 6.04 11.12
CA VAL A 93 4.00 6.03 12.50
C VAL A 93 2.48 6.09 12.44
N THR A 94 1.81 5.05 12.93
CA THR A 94 0.40 4.84 12.71
C THR A 94 -0.33 5.10 14.01
N HIS A 95 -1.22 6.12 14.05
CA HIS A 95 -1.62 6.93 12.89
C HIS A 95 -0.99 8.32 12.94
N TYR A 96 -1.01 8.94 14.11
CA TYR A 96 -0.54 10.30 14.31
C TYR A 96 0.70 10.31 15.20
N ALA A 97 1.78 10.92 14.73
CA ALA A 97 3.05 10.96 15.43
C ALA A 97 3.29 12.35 16.02
N MET A 98 4.01 12.38 17.14
CA MET A 98 4.38 13.62 17.80
C MET A 98 5.76 13.42 18.41
N ILE A 99 6.79 13.87 17.70
CA ILE A 99 8.19 13.59 18.05
C ILE A 99 8.74 14.70 18.93
N TYR A 100 9.06 14.37 20.18
CA TYR A 100 9.76 15.27 21.09
C TYR A 100 11.24 14.89 21.16
N LEU A 101 12.10 15.90 21.39
CA LEU A 101 13.52 15.69 21.60
C LEU A 101 13.98 16.57 22.75
N ASN A 102 14.53 15.95 23.78
CA ASN A 102 14.92 16.63 25.02
C ASN A 102 13.75 17.38 25.66
N GLY A 103 12.52 16.99 25.36
CA GLY A 103 11.34 17.63 25.92
C GLY A 103 10.69 18.64 25.01
N LYS A 104 11.29 18.94 23.87
CA LYS A 104 10.80 19.96 22.96
C LYS A 104 10.14 19.30 21.76
N LEU A 105 8.92 19.72 21.45
CA LEU A 105 8.20 19.21 20.29
C LEU A 105 8.86 19.72 19.02
N ILE A 106 9.36 18.81 18.18
CA ILE A 106 10.12 19.18 16.99
C ILE A 106 9.54 18.61 15.70
N CYS A 107 8.48 17.80 15.78
CA CYS A 107 7.80 17.37 14.55
C CYS A 107 6.41 16.87 14.88
N GLU A 108 5.55 16.91 13.86
CA GLU A 108 4.23 16.33 13.89
C GLU A 108 3.96 15.75 12.51
N HIS A 109 3.14 14.69 12.47
CA HIS A 109 2.77 14.10 11.19
C HIS A 109 1.41 13.43 11.31
N LYS A 110 0.65 13.47 10.23
CA LYS A 110 -0.66 12.85 10.16
C LYS A 110 -0.66 11.90 8.96
N GLY A 111 -1.23 10.72 9.17
CA GLY A 111 -1.14 9.68 8.14
C GLY A 111 -0.12 8.62 8.50
N GLY A 112 -0.59 7.41 8.74
CA GLY A 112 0.24 6.43 9.40
C GLY A 112 0.86 5.40 8.48
N PHE A 113 1.06 5.75 7.21
CA PHE A 113 1.60 4.77 6.28
C PHE A 113 2.56 5.36 5.24
N LEU A 114 3.01 6.60 5.40
CA LEU A 114 3.97 7.18 4.49
C LEU A 114 5.06 7.88 5.29
N PRO A 115 6.30 7.92 4.78
CA PRO A 115 7.42 8.43 5.58
C PRO A 115 7.36 9.93 5.80
N PHE A 116 8.12 10.37 6.81
CA PHE A 116 8.31 11.76 7.13
C PHE A 116 9.57 11.93 7.96
N GLU A 117 10.29 13.04 7.76
CA GLU A 117 11.55 13.29 8.45
C GLU A 117 11.58 14.67 9.09
N VAL A 118 12.62 14.88 9.89
CA VAL A 118 12.83 16.11 10.66
C VAL A 118 14.32 16.26 10.90
N GLU A 119 14.81 17.50 10.80
CA GLU A 119 16.22 17.77 11.01
C GLU A 119 16.55 17.81 12.50
N LEU A 120 17.70 17.24 12.85
CA LEU A 120 18.11 17.15 14.26
C LEU A 120 19.34 17.97 14.59
N ASN A 121 19.86 18.78 13.67
CA ASN A 121 21.09 19.52 13.95
C ASN A 121 20.93 20.43 15.16
N ASP A 122 19.88 21.24 15.18
CA ASP A 122 19.53 21.96 16.40
C ASP A 122 18.82 21.01 17.36
N ASP A 123 18.62 21.46 18.60
CA ASP A 123 17.95 20.68 19.64
C ASP A 123 18.73 19.42 20.02
N LEU A 124 19.76 19.07 19.26
CA LEU A 124 20.59 17.89 19.54
C LEU A 124 21.76 18.34 20.40
N GLN A 125 21.58 18.27 21.71
CA GLN A 125 22.66 18.54 22.66
C GLN A 125 23.82 17.58 22.42
N ASP A 126 24.89 17.75 23.19
CA ASP A 126 25.93 16.76 23.23
C ASP A 126 25.74 15.86 24.45
N GLY A 127 25.97 14.56 24.24
CA GLY A 127 25.72 13.59 25.29
C GLY A 127 24.53 12.70 25.00
N ASP A 128 23.80 12.30 26.04
CA ASP A 128 22.64 11.43 25.88
C ASP A 128 21.39 12.28 25.72
N ASN A 129 20.69 12.10 24.61
CA ASN A 129 19.46 12.82 24.30
C ASN A 129 18.26 11.91 24.45
N LEU A 130 17.21 12.42 25.10
CA LEU A 130 15.97 11.68 25.30
C LEU A 130 15.03 11.93 24.11
N LEU A 131 14.83 10.90 23.27
CA LEU A 131 13.93 10.97 22.12
C LEU A 131 12.61 10.28 22.45
N THR A 132 11.52 11.05 22.44
CA THR A 132 10.20 10.54 22.73
C THR A 132 9.34 10.64 21.47
N ILE A 133 8.60 9.57 21.17
CA ILE A 133 7.64 9.57 20.07
C ILE A 133 6.28 9.19 20.66
N ALA A 134 5.32 10.09 20.55
CA ALA A 134 3.96 9.81 21.01
C ALA A 134 3.11 9.42 19.82
N VAL A 135 2.30 8.38 19.98
CA VAL A 135 1.55 7.80 18.88
C VAL A 135 0.07 7.74 19.24
N ASN A 136 -0.77 8.24 18.34
CA ASN A 136 -2.21 8.27 18.52
C ASN A 136 -2.86 7.34 17.50
N ASN A 137 -3.94 6.67 17.93
CA ASN A 137 -4.61 5.67 17.11
C ASN A 137 -6.03 6.05 16.75
N VAL A 138 -6.49 7.24 17.16
CA VAL A 138 -7.88 7.62 16.94
C VAL A 138 -8.12 7.79 15.45
N ILE A 139 -9.22 7.24 14.98
CA ILE A 139 -9.70 7.36 13.61
C ILE A 139 -11.11 7.92 13.67
N ASP A 140 -11.46 8.73 12.68
CA ASP A 140 -12.74 9.45 12.60
C ASP A 140 -12.98 9.88 11.15
N TYR A 141 -13.84 10.86 10.94
CA TYR A 141 -14.12 11.34 9.58
C TYR A 141 -13.04 12.24 9.02
N THR A 142 -11.99 12.53 9.78
CA THR A 142 -10.90 13.34 9.27
C THR A 142 -9.66 12.52 8.95
N THR A 143 -9.70 11.21 9.15
CA THR A 143 -8.53 10.35 8.99
C THR A 143 -8.67 9.49 7.74
N LEU A 144 -7.53 9.09 7.22
CA LEU A 144 -7.47 8.07 6.19
C LEU A 144 -6.59 6.94 6.72
N PRO A 145 -7.14 5.75 7.03
CA PRO A 145 -8.51 5.29 6.81
C PRO A 145 -9.53 5.97 7.71
N VAL A 146 -10.79 5.82 7.33
CA VAL A 146 -11.90 6.51 7.98
C VAL A 146 -12.36 5.68 9.18
N GLY A 147 -12.55 6.34 10.32
CA GLY A 147 -13.19 5.73 11.47
C GLY A 147 -14.65 6.15 11.60
N GLY A 148 -15.50 5.16 11.87
CA GLY A 148 -16.92 5.39 11.98
C GLY A 148 -17.38 5.63 13.41
N LYS A 149 -18.69 5.47 13.63
CA LYS A 149 -19.30 5.65 14.94
C LYS A 149 -19.81 4.35 15.54
N ALA A 150 -19.63 3.23 14.84
CA ALA A 150 -20.06 1.90 15.30
C ALA A 150 -19.35 0.86 14.44
N ASN A 151 -19.59 -0.40 14.75
CA ASN A 151 -18.99 -1.48 13.97
C ASN A 151 -19.61 -1.52 12.57
N MET A 152 -18.86 -2.05 11.62
CA MET A 152 -19.29 -2.13 10.20
C MET A 152 -20.51 -3.05 10.10
N MET A 153 -20.75 -3.85 11.12
CA MET A 153 -21.90 -4.79 11.13
C MET A 153 -23.07 -4.10 11.84
N SER A 154 -22.89 -2.86 12.25
CA SER A 154 -24.01 -2.19 12.96
C SER A 154 -25.19 -2.09 11.99
N GLY A 155 -26.41 -2.06 12.46
CA GLY A 155 -27.56 -1.97 11.54
C GLY A 155 -27.88 -3.28 10.85
N MET A 156 -27.32 -4.41 11.29
CA MET A 156 -27.63 -5.72 10.66
C MET A 156 -28.23 -6.66 11.70
N PRO A 168 -15.69 4.29 25.04
CA PRO A 168 -14.74 5.09 24.24
C PRO A 168 -13.85 4.18 23.41
N GLN A 169 -14.08 4.11 22.10
CA GLN A 169 -13.39 3.11 21.27
C GLN A 169 -13.39 3.57 19.82
N ASN A 170 -12.35 3.16 19.09
CA ASN A 170 -12.33 3.30 17.63
C ASN A 170 -13.23 2.25 16.99
N ASN A 171 -13.86 2.61 15.88
CA ASN A 171 -14.70 1.70 15.12
C ASN A 171 -14.31 1.80 13.65
N PRO A 172 -13.44 0.93 13.17
CA PRO A 172 -12.96 1.04 11.78
C PRO A 172 -14.11 0.96 10.78
N ASN A 173 -14.11 1.90 9.83
CA ASN A 173 -15.00 1.80 8.68
C ASN A 173 -14.28 1.02 7.59
N PHE A 174 -13.49 0.04 8.01
CA PHE A 174 -12.71 -0.78 7.10
C PHE A 174 -12.57 -2.16 7.72
N ASP A 175 -12.41 -3.16 6.87
CA ASP A 175 -12.38 -4.56 7.31
C ASP A 175 -10.95 -5.05 7.57
N PHE A 176 -10.25 -4.36 8.47
CA PHE A 176 -8.99 -4.86 8.99
C PHE A 176 -8.74 -4.21 10.35
N PHE A 177 -7.77 -4.75 11.07
CA PHE A 177 -7.55 -4.32 12.45
C PHE A 177 -6.72 -3.05 12.49
N ASN A 178 -7.05 -2.18 13.45
CA ASN A 178 -6.42 -0.86 13.58
C ASN A 178 -5.08 -0.96 14.32
N TYR A 179 -4.15 -1.69 13.71
CA TYR A 179 -2.80 -1.82 14.26
C TYR A 179 -2.09 -0.48 14.25
N CYS A 180 -1.50 -0.11 15.39
CA CYS A 180 -0.89 1.19 15.56
C CYS A 180 0.42 1.06 16.31
N GLY A 181 1.13 2.18 16.46
CA GLY A 181 2.49 2.21 16.92
C GLY A 181 3.45 2.45 15.77
N ILE A 182 4.74 2.34 16.06
CA ILE A 182 5.77 2.67 15.08
C ILE A 182 5.87 1.55 14.04
N THR A 183 5.01 1.63 13.02
CA THR A 183 4.85 0.52 12.10
C THR A 183 6.14 0.19 11.36
N ARG A 184 6.87 1.21 10.92
CA ARG A 184 8.03 0.94 10.09
C ARG A 184 9.28 1.54 10.75
N PRO A 185 10.49 1.23 10.26
CA PRO A 185 11.69 1.56 11.04
C PRO A 185 11.84 3.06 11.29
N VAL A 186 12.50 3.38 12.39
CA VAL A 186 12.97 4.73 12.68
C VAL A 186 14.50 4.72 12.53
N LYS A 187 15.01 5.52 11.62
CA LYS A 187 16.44 5.53 11.36
C LYS A 187 16.98 6.95 11.42
N ILE A 188 18.31 7.06 11.53
CA ILE A 188 19.04 8.32 11.44
C ILE A 188 20.05 8.20 10.31
N TYR A 189 20.11 9.20 9.45
CA TYR A 189 21.13 9.22 8.41
C TYR A 189 21.62 10.65 8.21
N THR A 190 22.84 10.77 7.66
CA THR A 190 23.48 12.05 7.48
C THR A 190 23.60 12.39 6.01
N THR A 191 23.69 13.70 5.74
CA THR A 191 24.04 14.23 4.44
C THR A 191 24.96 15.42 4.64
N PRO A 192 25.79 15.74 3.64
CA PRO A 192 26.53 17.00 3.69
C PRO A 192 25.60 18.19 3.58
N GLU A 193 26.08 19.34 4.04
CA GLU A 193 25.24 20.54 4.11
C GLU A 193 24.73 21.00 2.74
N THR A 194 25.17 20.39 1.64
CA THR A 194 24.56 20.58 0.32
C THR A 194 24.34 19.19 -0.25
N TYR A 195 23.07 18.78 -0.35
CA TYR A 195 22.73 17.37 -0.52
C TYR A 195 21.79 17.18 -1.70
N ILE A 196 21.69 15.93 -2.14
CA ILE A 196 20.63 15.53 -3.06
C ILE A 196 19.34 15.40 -2.28
N ASN A 197 18.25 15.98 -2.80
CA ASN A 197 16.95 15.87 -2.15
C ASN A 197 15.98 14.97 -2.90
N ASP A 198 16.16 14.81 -4.20
CA ASP A 198 15.21 14.01 -4.97
C ASP A 198 15.88 13.62 -6.27
N ILE A 199 15.39 12.55 -6.87
CA ILE A 199 15.83 12.08 -8.18
C ILE A 199 14.58 11.60 -8.93
N THR A 200 14.53 11.89 -10.22
CA THR A 200 13.39 11.51 -11.03
C THR A 200 13.92 10.99 -12.36
N VAL A 201 13.44 9.84 -12.79
CA VAL A 201 13.94 9.17 -13.99
C VAL A 201 12.77 8.61 -14.76
N THR A 202 12.55 9.10 -15.97
CA THR A 202 11.53 8.60 -16.86
C THR A 202 12.20 7.92 -18.05
N ALA A 203 11.43 7.20 -18.83
CA ALA A 203 12.02 6.41 -19.91
C ALA A 203 11.14 6.49 -21.14
N ASP A 204 11.67 7.12 -22.19
CA ASP A 204 11.10 7.02 -23.53
C ASP A 204 11.86 5.92 -24.25
N ILE A 205 11.13 5.05 -24.92
CA ILE A 205 11.64 3.74 -25.25
C ILE A 205 11.14 3.38 -26.65
N ASP A 206 12.08 3.07 -27.55
CA ASP A 206 11.80 2.95 -28.97
C ASP A 206 11.62 1.48 -29.34
N PHE A 207 10.41 1.13 -29.73
CA PHE A 207 10.08 -0.27 -30.10
C PHE A 207 10.05 -0.50 -31.61
N THR A 208 10.26 0.49 -32.46
CA THR A 208 10.30 0.29 -33.90
C THR A 208 11.46 -0.62 -34.30
N LYS A 209 12.57 -0.51 -33.60
CA LYS A 209 13.72 -1.36 -33.81
C LYS A 209 13.38 -2.82 -33.50
N GLU A 210 14.11 -3.74 -34.16
CA GLU A 210 14.06 -5.15 -33.77
C GLU A 210 14.72 -5.38 -32.41
N GLU A 211 15.79 -4.62 -32.12
CA GLU A 211 16.45 -4.61 -30.81
C GLU A 211 16.12 -3.29 -30.13
N PRO A 212 15.02 -3.21 -29.37
CA PRO A 212 14.59 -1.92 -28.83
C PRO A 212 15.65 -1.26 -27.95
N SER A 213 15.70 0.07 -28.02
CA SER A 213 16.63 0.89 -27.27
C SER A 213 15.84 1.91 -26.44
N ALA A 214 16.55 2.69 -25.64
CA ALA A 214 15.86 3.53 -24.67
C ALA A 214 16.57 4.86 -24.53
N VAL A 215 15.83 5.83 -24.00
CA VAL A 215 16.33 7.16 -23.66
C VAL A 215 15.85 7.45 -22.25
N LEU A 216 16.79 7.77 -21.35
CA LEU A 216 16.48 7.91 -19.93
C LEU A 216 16.63 9.37 -19.51
N ASN A 217 15.53 10.11 -19.55
CA ASN A 217 15.54 11.48 -19.05
C ASN A 217 15.55 11.46 -17.53
N TYR A 218 16.52 12.13 -16.93
CA TYR A 218 16.58 12.23 -15.49
C TYR A 218 16.51 13.70 -15.07
N ASN A 219 16.54 13.92 -13.76
CA ASN A 219 16.31 15.25 -13.20
C ASN A 219 16.60 15.23 -11.71
N VAL A 220 17.69 15.85 -11.29
CA VAL A 220 18.14 15.83 -9.90
C VAL A 220 17.82 17.18 -9.27
N GLU A 221 17.33 17.15 -8.03
CA GLU A 221 16.97 18.38 -7.33
C GLU A 221 18.12 18.92 -6.46
N VAL A 234 26.61 11.90 -12.01
CA VAL A 234 25.61 11.01 -12.57
C VAL A 234 26.20 9.94 -13.51
N GLU A 235 26.17 8.68 -13.06
CA GLU A 235 26.73 7.57 -13.81
C GLU A 235 25.71 6.45 -13.89
N LEU A 236 25.78 5.66 -14.97
CA LEU A 236 24.87 4.54 -15.18
C LEU A 236 25.65 3.23 -15.17
N PHE A 237 25.07 2.18 -14.59
CA PHE A 237 25.65 0.85 -14.56
C PHE A 237 24.60 -0.19 -14.96
N ASP A 238 25.04 -1.43 -15.13
CA ASP A 238 24.15 -2.53 -15.46
C ASP A 238 23.96 -3.42 -14.23
N GLU A 239 23.30 -4.58 -14.44
CA GLU A 239 23.01 -5.50 -13.34
C GLU A 239 24.27 -5.86 -12.55
N GLU A 240 25.33 -6.27 -13.25
CA GLU A 240 26.58 -6.65 -12.58
C GLU A 240 27.22 -5.47 -11.88
N GLY A 241 27.54 -4.42 -12.63
CA GLY A 241 28.18 -3.26 -12.04
C GLY A 241 29.05 -2.54 -13.04
N THR A 242 29.09 -3.09 -14.25
CA THR A 242 29.85 -2.48 -15.33
C THR A 242 29.31 -1.09 -15.63
N LYS A 243 30.19 -0.10 -15.65
CA LYS A 243 29.83 1.30 -15.95
C LYS A 243 29.47 1.35 -17.42
N LEU A 244 28.47 2.10 -17.80
CA LEU A 244 28.05 2.18 -19.20
C LEU A 244 27.93 3.60 -19.75
N SER A 245 27.88 4.63 -18.91
CA SER A 245 27.73 5.99 -19.39
C SER A 245 27.99 6.95 -18.24
N GLU A 246 28.07 8.24 -18.59
CA GLU A 246 28.22 9.32 -17.62
C GLU A 246 27.70 10.61 -18.26
N THR A 247 27.31 11.55 -17.42
CA THR A 247 26.76 12.84 -17.87
C THR A 247 26.87 13.84 -16.73
N GLU A 248 27.01 15.11 -17.10
CA GLU A 248 27.07 16.21 -16.15
C GLU A 248 25.71 16.88 -16.03
N GLY A 249 25.58 17.73 -15.01
CA GLY A 249 24.42 18.58 -14.86
C GLY A 249 23.31 17.94 -14.04
N SER A 250 22.41 18.79 -13.55
CA SER A 250 21.25 18.31 -12.81
C SER A 250 20.29 17.55 -13.72
N GLU A 251 20.00 18.10 -14.89
CA GLU A 251 19.17 17.42 -15.88
C GLU A 251 20.04 16.87 -16.99
N GLY A 252 19.69 15.70 -17.50
CA GLY A 252 20.48 15.09 -18.54
C GLY A 252 19.74 13.93 -19.19
N THR A 253 20.50 13.07 -19.85
CA THR A 253 19.91 11.95 -20.57
C THR A 253 20.94 10.83 -20.73
N PHE A 254 20.44 9.60 -20.87
CA PHE A 254 21.23 8.41 -21.14
C PHE A 254 20.62 7.70 -22.34
N GLU A 255 21.47 7.22 -23.24
CA GLU A 255 21.02 6.48 -24.40
C GLU A 255 21.60 5.08 -24.33
N ILE A 256 20.72 4.09 -24.24
CA ILE A 256 21.11 2.69 -24.07
C ILE A 256 20.64 1.95 -25.30
N SER A 257 21.57 1.55 -26.16
CA SER A 257 21.23 0.68 -27.27
C SER A 257 21.14 -0.75 -26.76
N ASN A 258 20.23 -1.52 -27.36
CA ASN A 258 20.00 -2.90 -26.95
C ASN A 258 19.64 -2.97 -25.47
N VAL A 259 18.83 -2.00 -25.01
CA VAL A 259 18.47 -1.91 -23.60
C VAL A 259 17.74 -3.17 -23.16
N ARG A 260 17.97 -3.51 -21.90
CA ARG A 260 17.35 -4.71 -21.29
C ARG A 260 16.06 -4.27 -20.59
N LEU A 261 14.94 -4.80 -20.98
CA LEU A 261 13.67 -4.37 -20.42
C LEU A 261 13.39 -5.07 -19.10
N TRP A 262 13.09 -4.28 -18.07
CA TRP A 262 12.36 -4.81 -16.91
C TRP A 262 11.03 -5.41 -17.37
N GLN A 263 10.75 -6.63 -16.95
CA GLN A 263 9.53 -7.30 -17.37
C GLN A 263 8.92 -8.06 -16.20
N PRO A 264 7.62 -8.36 -16.27
CA PRO A 264 6.99 -9.13 -15.19
C PRO A 264 7.57 -10.54 -15.10
N LEU A 265 7.92 -10.94 -13.88
CA LEU A 265 8.52 -12.25 -13.62
C LEU A 265 9.87 -12.40 -14.33
N ASN A 266 10.53 -11.27 -14.60
CA ASN A 266 11.82 -11.25 -15.28
C ASN A 266 12.49 -9.89 -15.15
N ALA A 267 12.72 -9.46 -13.92
CA ALA A 267 13.21 -8.12 -13.64
C ALA A 267 14.61 -7.90 -14.22
N TYR A 268 14.99 -6.62 -14.31
CA TYR A 268 16.36 -6.21 -14.60
C TYR A 268 16.51 -4.78 -14.12
N LEU A 269 17.39 -4.55 -13.15
CA LEU A 269 17.58 -3.22 -12.59
C LEU A 269 18.94 -2.68 -13.04
N TYR A 270 18.92 -1.57 -13.77
CA TYR A 270 20.11 -0.74 -13.93
C TYR A 270 20.41 -0.04 -12.62
N LYS A 271 21.65 0.44 -12.49
CA LYS A 271 22.06 1.21 -11.31
C LYS A 271 22.42 2.62 -11.76
N ILE A 272 21.97 3.60 -11.01
CA ILE A 272 22.18 5.00 -11.34
C ILE A 272 22.88 5.64 -10.15
N LYS A 273 24.16 5.99 -10.32
CA LYS A 273 24.98 6.58 -9.28
C LYS A 273 25.13 8.07 -9.56
N VAL A 274 24.46 8.89 -8.76
CA VAL A 274 24.36 10.33 -8.99
C VAL A 274 25.32 11.01 -8.02
N THR A 275 26.45 11.46 -8.55
CA THR A 275 27.43 12.17 -7.74
C THR A 275 27.21 13.66 -7.90
N ALA A 276 26.94 14.33 -6.78
CA ALA A 276 26.89 15.78 -6.71
C ALA A 276 28.07 16.25 -5.86
N GLY A 277 27.98 17.50 -5.41
CA GLY A 277 29.05 18.04 -4.58
C GLY A 277 29.10 17.31 -3.26
N GLN A 278 30.23 16.65 -2.99
CA GLN A 278 30.49 15.95 -1.72
C GLN A 278 29.33 15.07 -1.27
N ASP A 279 28.54 14.55 -2.23
CA ASP A 279 27.46 13.61 -1.90
C ASP A 279 27.15 12.70 -3.07
N VAL A 280 27.07 11.39 -2.79
CA VAL A 280 26.75 10.37 -3.76
C VAL A 280 25.50 9.62 -3.31
N TYR A 281 24.69 9.19 -4.27
CA TYR A 281 23.50 8.39 -4.02
C TYR A 281 23.25 7.49 -5.23
N THR A 282 22.87 6.25 -4.95
CA THR A 282 22.62 5.23 -5.96
C THR A 282 21.16 4.81 -5.92
N LEU A 283 20.55 4.65 -7.09
CA LEU A 283 19.14 4.33 -7.15
C LEU A 283 18.97 3.28 -8.23
N PRO A 284 18.36 2.14 -7.92
CA PRO A 284 18.05 1.18 -8.98
C PRO A 284 16.87 1.65 -9.81
N TYR A 285 16.90 1.33 -11.10
CA TYR A 285 15.85 1.76 -12.01
C TYR A 285 15.60 0.67 -13.03
N GLY A 286 14.32 0.41 -13.31
CA GLY A 286 13.92 -0.57 -14.31
C GLY A 286 13.32 0.14 -15.52
N VAL A 287 13.69 -0.34 -16.70
CA VAL A 287 13.27 0.29 -17.95
C VAL A 287 12.07 -0.49 -18.47
N ARG A 288 10.91 0.17 -18.50
CA ARG A 288 9.68 -0.42 -19.03
C ARG A 288 8.67 0.69 -19.33
N SER A 289 7.64 0.32 -20.09
CA SER A 289 6.60 1.25 -20.51
C SER A 289 5.23 0.70 -20.14
N VAL A 290 4.29 1.60 -19.83
CA VAL A 290 2.94 1.23 -19.40
C VAL A 290 1.94 2.10 -20.16
N ARG A 291 1.00 1.46 -20.85
CA ARG A 291 0.11 2.19 -21.75
C ARG A 291 -1.20 1.45 -21.88
N VAL A 292 -2.32 2.15 -21.68
CA VAL A 292 -3.65 1.58 -21.94
C VAL A 292 -4.04 1.83 -23.39
N ASP A 293 -4.61 0.81 -24.03
CA ASP A 293 -5.03 0.90 -25.44
C ASP A 293 -6.34 0.14 -25.58
N GLY A 294 -7.45 0.85 -25.53
CA GLY A 294 -8.73 0.18 -25.72
C GLY A 294 -9.05 -0.70 -24.52
N THR A 295 -9.27 -1.99 -24.77
CA THR A 295 -9.52 -2.98 -23.73
C THR A 295 -8.28 -3.81 -23.42
N LYS A 296 -7.11 -3.17 -23.42
CA LYS A 296 -5.84 -3.90 -23.32
C LYS A 296 -4.90 -3.14 -22.40
N PHE A 297 -4.30 -3.87 -21.47
CA PHE A 297 -3.31 -3.31 -20.56
C PHE A 297 -1.94 -3.71 -21.07
N LEU A 298 -1.14 -2.72 -21.45
CA LEU A 298 0.11 -2.96 -22.16
C LEU A 298 1.27 -2.58 -21.28
N ILE A 299 2.15 -3.55 -21.03
CA ILE A 299 3.45 -3.32 -20.40
C ILE A 299 4.49 -3.69 -21.45
N ASN A 300 5.36 -2.73 -21.77
CA ASN A 300 6.28 -2.89 -22.89
C ASN A 300 5.53 -3.24 -24.18
N GLU A 301 4.40 -2.54 -24.39
CA GLU A 301 3.60 -2.66 -25.62
C GLU A 301 3.19 -4.10 -25.91
N LYS A 302 2.96 -4.86 -24.83
CA LYS A 302 2.43 -6.22 -24.90
C LYS A 302 1.17 -6.33 -24.05
N PRO A 303 0.22 -7.18 -24.44
CA PRO A 303 -1.07 -7.25 -23.70
C PRO A 303 -1.05 -8.06 -22.39
N PHE A 304 -0.94 -7.37 -21.26
CA PHE A 304 -0.75 -8.00 -19.96
C PHE A 304 -2.04 -8.57 -19.37
N TYR A 305 -1.88 -9.53 -18.46
CA TYR A 305 -2.99 -10.09 -17.69
C TYR A 305 -2.56 -10.23 -16.23
N PHE A 306 -3.30 -9.60 -15.33
CA PHE A 306 -2.96 -9.62 -13.91
C PHE A 306 -3.35 -10.95 -13.28
N LYS A 307 -2.40 -11.54 -12.55
CA LYS A 307 -2.58 -12.76 -11.77
C LYS A 307 -2.04 -12.53 -10.36
N GLY A 308 -2.87 -12.75 -9.34
CA GLY A 308 -2.44 -12.39 -8.01
C GLY A 308 -3.54 -12.08 -7.01
N TYR A 309 -3.34 -11.03 -6.21
CA TYR A 309 -4.15 -10.88 -5.01
C TYR A 309 -4.13 -9.44 -4.55
N GLY A 310 -5.15 -9.11 -3.76
CA GLY A 310 -5.03 -8.03 -2.80
C GLY A 310 -4.33 -8.59 -1.57
N LYS A 311 -3.35 -7.87 -1.08
CA LYS A 311 -2.58 -8.31 0.06
C LYS A 311 -2.92 -7.46 1.26
N HIS A 312 -2.28 -7.79 2.38
CA HIS A 312 -2.24 -6.92 3.53
C HIS A 312 -0.81 -6.95 4.05
N GLU A 313 -0.42 -5.89 4.75
CA GLU A 313 0.75 -5.97 5.60
C GLU A 313 0.24 -6.48 6.95
N ASP A 314 0.15 -7.81 7.05
CA ASP A 314 -0.41 -8.45 8.24
C ASP A 314 0.36 -9.74 8.54
N THR A 315 1.03 -9.78 9.68
CA THR A 315 1.71 -10.98 10.15
C THR A 315 1.58 -11.05 11.66
N PHE A 316 1.99 -12.20 12.21
CA PHE A 316 1.99 -12.45 13.65
C PHE A 316 3.40 -12.50 14.20
N PRO A 317 3.69 -11.82 15.32
CA PRO A 317 2.76 -10.93 16.02
C PRO A 317 2.95 -9.46 15.64
N ASN A 318 3.77 -9.22 14.59
CA ASN A 318 4.14 -7.86 14.23
C ASN A 318 2.95 -6.97 13.95
N GLY A 319 1.77 -7.55 13.69
CA GLY A 319 0.60 -6.79 13.29
C GLY A 319 0.83 -6.20 11.91
N ARG A 320 0.78 -4.88 11.80
CA ARG A 320 1.15 -4.22 10.54
C ARG A 320 2.63 -3.98 10.43
N GLY A 321 3.36 -4.01 11.55
CA GLY A 321 4.81 -3.82 11.54
C GLY A 321 5.54 -4.59 10.46
N ILE A 322 6.55 -3.95 9.89
CA ILE A 322 7.27 -4.50 8.74
C ILE A 322 7.91 -5.84 9.09
N ASN A 323 7.83 -6.80 8.16
CA ASN A 323 8.47 -8.10 8.36
C ASN A 323 9.18 -8.53 7.08
N LEU A 324 10.47 -8.23 6.99
CA LEU A 324 11.20 -8.54 5.77
C LEU A 324 11.27 -10.04 5.47
N PRO A 325 11.40 -10.95 6.45
CA PRO A 325 11.35 -12.37 6.08
C PRO A 325 10.04 -12.78 5.43
N MET A 326 8.90 -12.31 5.94
CA MET A 326 7.64 -12.68 5.33
C MET A 326 7.53 -12.13 3.91
N ASN A 327 7.97 -10.88 3.69
CA ASN A 327 7.95 -10.30 2.34
C ASN A 327 8.66 -11.22 1.35
N THR A 328 9.84 -11.71 1.72
CA THR A 328 10.52 -12.61 0.81
C THR A 328 9.77 -13.93 0.69
N LYS A 329 9.18 -14.40 1.79
CA LYS A 329 8.46 -15.67 1.74
C LYS A 329 7.18 -15.54 0.92
N ASP A 330 6.46 -14.43 1.09
CA ASP A 330 5.28 -14.15 0.26
C ASP A 330 5.66 -14.12 -1.22
N ILE A 331 6.74 -13.41 -1.55
CA ILE A 331 7.14 -13.34 -2.95
C ILE A 331 7.58 -14.71 -3.48
N SER A 332 8.26 -15.51 -2.66
CA SER A 332 8.55 -16.89 -3.05
C SER A 332 7.25 -17.64 -3.32
N ILE A 333 6.31 -17.55 -2.38
CA ILE A 333 5.03 -18.24 -2.53
C ILE A 333 4.35 -17.82 -3.83
N MET A 334 4.41 -16.52 -4.14
CA MET A 334 3.87 -16.02 -5.40
C MET A 334 4.47 -16.73 -6.60
N LYS A 335 5.81 -16.71 -6.72
CA LYS A 335 6.45 -17.35 -7.87
C LYS A 335 6.19 -18.85 -7.89
N TRP A 336 6.00 -19.45 -6.73
CA TRP A 336 5.57 -20.83 -6.67
C TRP A 336 4.18 -21.00 -7.26
N GLN A 337 3.29 -20.02 -7.09
CA GLN A 337 1.90 -20.08 -7.51
C GLN A 337 1.69 -19.52 -8.92
N HIS A 338 2.74 -19.01 -9.55
CA HIS A 338 2.65 -18.44 -10.90
C HIS A 338 1.75 -17.21 -10.90
N ALA A 339 1.79 -16.46 -9.80
CA ALA A 339 1.21 -15.13 -9.74
C ALA A 339 2.18 -14.14 -10.39
N ASN A 340 1.69 -12.92 -10.66
CA ASN A 340 2.59 -11.88 -11.14
C ASN A 340 2.31 -10.50 -10.56
N SER A 341 1.24 -10.32 -9.79
CA SER A 341 0.91 -8.98 -9.33
C SER A 341 0.20 -9.03 -7.98
N PHE A 342 0.19 -7.90 -7.31
CA PHE A 342 -0.72 -7.67 -6.20
C PHE A 342 -0.96 -6.17 -6.05
N ARG A 343 -2.02 -5.84 -5.31
CA ARG A 343 -2.31 -4.45 -4.99
C ARG A 343 -1.98 -4.23 -3.52
N THR A 344 -1.59 -3.02 -3.17
CA THR A 344 -1.26 -2.74 -1.78
C THR A 344 -2.51 -2.29 -1.03
N SER A 345 -3.51 -3.16 -1.05
CA SER A 345 -4.67 -2.97 -0.18
C SER A 345 -4.25 -2.93 1.28
N HIS A 346 -4.70 -1.93 2.04
CA HIS A 346 -5.43 -0.73 1.56
C HIS A 346 -4.66 0.51 2.02
N TYR A 347 -3.36 0.55 1.73
CA TYR A 347 -2.43 1.54 2.22
C TYR A 347 -1.12 1.34 1.48
N PRO A 348 -0.26 2.35 1.42
CA PRO A 348 1.05 2.13 0.80
C PRO A 348 1.88 1.20 1.67
N TYR A 349 2.55 0.24 1.04
CA TYR A 349 3.39 -0.72 1.75
C TYR A 349 4.76 -0.10 2.04
N SER A 350 5.64 -0.90 2.66
CA SER A 350 6.95 -0.43 3.05
C SER A 350 7.84 -0.25 1.83
N GLU A 351 8.79 0.69 1.96
CA GLU A 351 9.74 0.93 0.89
C GLU A 351 10.48 -0.36 0.53
N GLU A 352 10.82 -1.15 1.54
CA GLU A 352 11.61 -2.36 1.32
C GLU A 352 10.85 -3.34 0.44
N MET A 353 9.54 -3.50 0.66
CA MET A 353 8.75 -4.39 -0.19
C MET A 353 8.65 -3.85 -1.62
N MET A 354 8.67 -2.52 -1.78
CA MET A 354 8.63 -1.94 -3.12
C MET A 354 9.93 -2.21 -3.87
N ARG A 355 11.07 -1.95 -3.22
CA ARG A 355 12.36 -2.27 -3.84
C ARG A 355 12.45 -3.76 -4.13
N LEU A 356 11.92 -4.59 -3.24
CA LEU A 356 11.94 -6.03 -3.48
C LEU A 356 11.16 -6.40 -4.73
N CYS A 357 9.99 -5.78 -4.93
CA CYS A 357 9.25 -6.07 -6.15
C CYS A 357 10.00 -5.62 -7.38
N ASP A 358 10.87 -4.61 -7.24
CA ASP A 358 11.73 -4.20 -8.34
C ASP A 358 12.72 -5.32 -8.68
N GLU A 359 13.36 -5.88 -7.65
CA GLU A 359 14.33 -6.96 -7.85
C GLU A 359 13.67 -8.23 -8.36
N GLU A 360 12.50 -8.56 -7.81
CA GLU A 360 11.88 -9.85 -8.12
C GLU A 360 10.90 -9.78 -9.29
N GLY A 361 10.60 -8.57 -9.78
CA GLY A 361 9.75 -8.38 -10.93
C GLY A 361 8.29 -8.70 -10.70
N ILE A 362 7.70 -8.07 -9.70
CA ILE A 362 6.32 -8.33 -9.27
C ILE A 362 5.51 -7.05 -9.54
N VAL A 363 4.41 -7.18 -10.26
CA VAL A 363 3.65 -6.00 -10.66
C VAL A 363 2.82 -5.51 -9.48
N VAL A 364 2.87 -4.22 -9.20
CA VAL A 364 2.24 -3.66 -8.02
C VAL A 364 1.23 -2.60 -8.44
N ILE A 365 0.04 -2.66 -7.84
CA ILE A 365 -0.96 -1.61 -7.94
C ILE A 365 -0.88 -0.83 -6.64
N ASP A 366 -0.33 0.37 -6.71
CA ASP A 366 -0.05 1.16 -5.52
C ASP A 366 -1.32 1.88 -5.07
N GLU A 367 -1.75 1.70 -3.81
CA GLU A 367 -3.04 2.22 -3.37
C GLU A 367 -2.86 3.11 -2.15
N THR A 368 -3.68 4.16 -2.08
CA THR A 368 -3.57 5.11 -0.99
C THR A 368 -4.27 4.57 0.26
N THR A 369 -4.25 5.36 1.33
CA THR A 369 -4.90 5.03 2.58
C THR A 369 -6.42 5.29 2.56
N ALA A 370 -7.01 5.38 1.38
CA ALA A 370 -8.34 5.97 1.27
C ALA A 370 -9.41 4.87 1.26
N VAL A 371 -9.50 4.17 2.37
CA VAL A 371 -10.53 3.16 2.56
C VAL A 371 -11.50 3.66 3.63
N GLY A 372 -12.78 3.38 3.44
CA GLY A 372 -13.79 3.88 4.35
C GLY A 372 -14.37 5.24 4.02
N VAL A 373 -14.04 5.82 2.86
CA VAL A 373 -14.68 7.04 2.37
C VAL A 373 -16.03 6.66 1.78
N ASN A 374 -16.91 6.15 2.62
CA ASN A 374 -18.15 5.54 2.18
C ASN A 374 -19.02 5.28 3.39
N LEU A 375 -19.94 6.22 3.68
CA LEU A 375 -20.72 6.23 4.90
C LEU A 375 -21.99 5.40 4.80
N GLN A 376 -22.07 4.49 3.83
CA GLN A 376 -23.20 3.57 3.79
C GLN A 376 -22.96 2.28 4.58
N PHE A 377 -21.74 2.05 5.07
CA PHE A 377 -21.46 0.92 5.95
C PHE A 377 -21.84 1.29 7.39
N GLY A 378 -21.40 0.47 8.36
CA GLY A 378 -21.45 0.81 9.79
C GLY A 378 -22.82 1.19 10.31
N GLY A 379 -23.86 0.65 9.68
CA GLY A 379 -25.23 1.07 9.94
C GLY A 379 -25.48 2.38 9.25
N GLY A 380 -24.93 3.45 9.81
CA GLY A 380 -24.87 4.72 9.13
C GLY A 380 -24.76 5.87 10.10
N ALA A 381 -24.40 7.02 9.57
CA ALA A 381 -24.39 8.28 10.33
C ALA A 381 -25.67 9.05 10.05
N ASN A 382 -26.37 9.44 11.12
CA ASN A 382 -27.64 10.15 11.00
C ASN A 382 -27.53 11.53 11.63
N PHE A 383 -28.33 12.47 11.11
CA PHE A 383 -28.38 13.82 11.67
C PHE A 383 -29.81 14.06 12.17
N GLY A 384 -30.49 15.10 11.67
CA GLY A 384 -31.86 15.32 12.08
C GLY A 384 -32.80 14.32 11.44
N GLY A 385 -32.69 13.06 11.86
CA GLY A 385 -33.49 12.00 11.28
C GLY A 385 -32.99 11.50 9.94
N GLU A 386 -32.62 12.41 9.05
CA GLU A 386 -32.07 12.02 7.76
C GLU A 386 -30.68 11.42 7.94
N ARG A 387 -30.38 10.47 7.09
CA ARG A 387 -29.07 9.80 7.06
C ARG A 387 -28.06 10.74 6.40
N ILE A 388 -26.83 10.80 6.86
CA ILE A 388 -25.79 11.60 6.24
C ILE A 388 -25.26 10.87 5.02
N GLY A 389 -25.35 11.50 3.86
CA GLY A 389 -24.65 11.00 2.69
C GLY A 389 -23.16 11.17 2.83
N THR A 390 -22.41 10.37 2.06
CA THR A 390 -20.95 10.35 2.20
C THR A 390 -20.37 11.74 2.10
N PHE A 391 -20.69 12.46 1.03
CA PHE A 391 -19.99 13.70 0.72
C PHE A 391 -20.78 14.94 1.11
N ASP A 392 -21.75 14.82 2.02
CA ASP A 392 -22.30 15.94 2.76
C ASP A 392 -21.17 16.87 3.21
N LYS A 393 -21.23 18.13 2.81
CA LYS A 393 -20.07 18.99 3.00
C LYS A 393 -19.89 19.45 4.44
N GLU A 394 -20.91 19.31 5.30
CA GLU A 394 -20.77 19.74 6.68
C GLU A 394 -20.85 18.61 7.70
N HIS A 395 -21.50 17.49 7.37
CA HIS A 395 -21.58 16.35 8.30
C HIS A 395 -20.96 15.08 7.74
N GLY A 396 -20.27 15.14 6.61
CA GLY A 396 -19.70 13.94 6.04
C GLY A 396 -18.19 13.87 6.13
N VAL A 397 -17.56 13.22 5.17
CA VAL A 397 -16.12 13.01 5.24
C VAL A 397 -15.40 14.35 5.12
N GLN A 398 -14.38 14.54 5.96
CA GLN A 398 -13.54 15.72 5.97
C GLN A 398 -12.12 15.39 5.53
N THR A 399 -12.00 14.56 4.49
CA THR A 399 -10.76 13.88 4.19
C THR A 399 -10.05 14.36 2.94
N GLN A 400 -10.69 15.19 2.11
CA GLN A 400 -10.12 15.47 0.81
C GLN A 400 -8.84 16.28 0.92
N GLU A 401 -8.78 17.24 1.84
CA GLU A 401 -7.56 18.01 1.97
C GLU A 401 -6.38 17.12 2.33
N HIS A 402 -6.62 16.12 3.20
CA HIS A 402 -5.58 15.15 3.51
C HIS A 402 -5.45 14.11 2.41
N HIS A 403 -6.58 13.74 1.79
CA HIS A 403 -6.53 12.78 0.69
C HIS A 403 -5.57 13.27 -0.38
N LYS A 404 -5.44 14.59 -0.53
CA LYS A 404 -4.55 15.12 -1.56
C LYS A 404 -3.09 14.96 -1.15
N ASP A 405 -2.78 15.26 0.12
CA ASP A 405 -1.43 15.07 0.63
C ASP A 405 -0.95 13.64 0.41
N VAL A 406 -1.82 12.66 0.65
CA VAL A 406 -1.42 11.27 0.51
C VAL A 406 -1.04 10.97 -0.93
N ILE A 407 -1.87 11.38 -1.90
CA ILE A 407 -1.52 11.19 -3.31
C ILE A 407 -0.19 11.86 -3.62
N ARG A 408 0.08 13.00 -2.99
CA ARG A 408 1.32 13.71 -3.25
C ARG A 408 2.51 12.95 -2.67
N ASP A 409 2.40 12.54 -1.40
CA ASP A 409 3.50 11.85 -0.74
C ASP A 409 3.73 10.47 -1.32
N LEU A 410 2.65 9.75 -1.67
CA LEU A 410 2.82 8.40 -2.20
C LEU A 410 3.51 8.41 -3.55
N ILE A 411 3.12 9.34 -4.44
CA ILE A 411 3.72 9.38 -5.77
C ILE A 411 5.15 9.91 -5.70
N SER A 412 5.43 10.81 -4.75
CA SER A 412 6.80 11.28 -4.57
C SER A 412 7.71 10.16 -4.08
N ARG A 413 7.18 9.23 -3.30
CA ARG A 413 8.00 8.17 -2.75
C ARG A 413 8.26 7.07 -3.78
N ASP A 414 7.22 6.69 -4.52
CA ASP A 414 7.27 5.51 -5.37
C ASP A 414 7.33 5.86 -6.85
N LYS A 415 7.74 7.09 -7.19
CA LYS A 415 7.67 7.52 -8.58
C LYS A 415 8.58 6.70 -9.49
N ASN A 416 9.68 6.16 -8.95
CA ASN A 416 10.72 5.56 -9.77
C ASN A 416 10.63 4.04 -9.86
N HIS A 417 9.66 3.41 -9.20
CA HIS A 417 9.59 1.96 -9.15
C HIS A 417 8.99 1.43 -10.45
N ALA A 418 9.78 0.65 -11.20
CA ALA A 418 9.28 0.02 -12.41
C ALA A 418 8.16 -0.98 -12.14
N CYS A 419 8.00 -1.42 -10.89
CA CYS A 419 6.95 -2.38 -10.53
C CYS A 419 5.59 -1.69 -10.33
N VAL A 420 5.58 -0.41 -9.98
CA VAL A 420 4.35 0.35 -9.78
C VAL A 420 3.74 0.66 -11.15
N VAL A 421 2.62 0.00 -11.45
CA VAL A 421 2.06 -0.01 -12.79
C VAL A 421 0.79 0.84 -12.91
N MET A 422 0.10 1.10 -11.80
CA MET A 422 -1.14 1.87 -11.81
C MET A 422 -1.38 2.34 -10.40
N TRP A 423 -1.98 3.51 -10.26
CA TRP A 423 -2.32 4.06 -8.96
C TRP A 423 -3.79 3.81 -8.65
N SER A 424 -4.08 3.63 -7.37
CA SER A 424 -5.44 3.40 -6.91
C SER A 424 -5.76 4.48 -5.89
N ILE A 425 -6.71 5.35 -6.23
CA ILE A 425 -6.99 6.55 -5.45
C ILE A 425 -7.72 6.20 -4.17
N ALA A 426 -8.58 5.18 -4.20
CA ALA A 426 -9.35 4.82 -3.02
C ALA A 426 -9.89 3.41 -3.20
N ASN A 427 -10.21 2.77 -2.07
CA ASN A 427 -10.81 1.44 -2.04
C ASN A 427 -12.26 1.57 -1.61
N GLU A 428 -13.17 1.06 -2.43
CA GLU A 428 -14.62 1.04 -2.18
C GLU A 428 -15.17 2.33 -1.57
N PRO A 429 -14.98 3.49 -2.20
CA PRO A 429 -15.67 4.70 -1.76
C PRO A 429 -17.09 4.71 -2.30
N ASP A 430 -17.85 5.71 -1.85
CA ASP A 430 -19.22 5.91 -2.34
C ASP A 430 -19.17 6.46 -3.77
N SER A 431 -18.73 5.61 -4.69
CA SER A 431 -18.37 6.02 -6.03
C SER A 431 -19.56 6.52 -6.83
N ALA A 432 -20.78 6.08 -6.49
CA ALA A 432 -21.97 6.39 -7.26
C ALA A 432 -22.93 7.26 -6.46
N ALA A 433 -22.41 8.21 -5.71
CA ALA A 433 -23.23 8.98 -4.81
C ALA A 433 -23.10 10.46 -5.12
N GLU A 434 -24.07 11.23 -4.62
CA GLU A 434 -24.00 12.68 -4.76
C GLU A 434 -22.70 13.18 -4.15
N GLY A 435 -22.03 14.07 -4.87
CA GLY A 435 -20.81 14.65 -4.39
C GLY A 435 -19.57 13.86 -4.72
N ALA A 436 -19.73 12.63 -5.23
CA ALA A 436 -18.60 11.74 -5.44
C ALA A 436 -17.66 12.26 -6.52
N TYR A 437 -18.17 12.48 -7.74
CA TYR A 437 -17.32 12.98 -8.82
C TYR A 437 -16.56 14.24 -8.42
N ASP A 438 -17.23 15.20 -7.76
CA ASP A 438 -16.52 16.41 -7.39
C ASP A 438 -15.45 16.13 -6.34
N TYR A 439 -15.62 15.05 -5.56
CA TYR A 439 -14.62 14.68 -4.56
C TYR A 439 -13.39 14.09 -5.22
N PHE A 440 -13.58 13.20 -6.20
CA PHE A 440 -12.46 12.46 -6.79
C PHE A 440 -11.78 13.18 -7.95
N LYS A 441 -12.48 14.03 -8.71
CA LYS A 441 -11.89 14.68 -9.88
C LYS A 441 -10.57 15.38 -9.57
N PRO A 442 -10.47 16.25 -8.56
CA PRO A 442 -9.16 16.86 -8.29
C PRO A 442 -8.11 15.86 -7.85
N LEU A 443 -8.51 14.78 -7.17
CA LEU A 443 -7.54 13.74 -6.79
C LEU A 443 -7.01 13.02 -8.02
N TYR A 444 -7.90 12.62 -8.93
CA TYR A 444 -7.43 12.02 -10.17
C TYR A 444 -6.55 12.98 -10.97
N ASP A 445 -6.90 14.27 -10.99
CA ASP A 445 -6.08 15.20 -11.77
C ASP A 445 -4.70 15.34 -11.15
N LEU A 446 -4.68 15.51 -9.82
CA LEU A 446 -3.44 15.60 -9.06
C LEU A 446 -2.56 14.37 -9.27
N ALA A 447 -3.19 13.20 -9.42
CA ALA A 447 -2.43 11.97 -9.64
C ALA A 447 -1.72 12.02 -10.99
N ARG A 448 -2.42 12.47 -12.04
CA ARG A 448 -1.76 12.53 -13.35
C ARG A 448 -0.82 13.72 -13.48
N GLU A 449 -1.07 14.80 -12.74
CA GLU A 449 -0.15 15.93 -12.77
C GLU A 449 1.23 15.52 -12.28
N LEU A 450 1.31 14.88 -11.10
CA LEU A 450 2.59 14.62 -10.45
C LEU A 450 3.26 13.31 -10.82
N ASP A 451 2.60 12.41 -11.53
CA ASP A 451 3.31 11.21 -11.91
C ASP A 451 4.05 11.42 -13.22
N PRO A 452 5.37 11.65 -13.19
CA PRO A 452 6.10 11.91 -14.44
C PRO A 452 5.95 10.83 -15.48
N GLN A 453 5.64 9.60 -15.07
CA GLN A 453 5.43 8.53 -16.04
C GLN A 453 4.01 8.52 -16.61
N LYS A 454 3.12 9.37 -16.11
CA LYS A 454 1.71 9.42 -16.55
C LYS A 454 1.09 8.03 -16.56
N ARG A 455 1.14 7.37 -15.41
CA ARG A 455 0.71 5.98 -15.30
C ARG A 455 -0.80 5.92 -15.16
N PRO A 456 -1.40 4.76 -15.47
CA PRO A 456 -2.85 4.63 -15.31
C PRO A 456 -3.30 4.92 -13.88
N CYS A 457 -4.49 5.50 -13.74
CA CYS A 457 -5.08 5.75 -12.44
C CYS A 457 -6.42 5.04 -12.35
N THR A 458 -6.76 4.57 -11.15
CA THR A 458 -8.01 3.86 -10.97
C THR A 458 -8.58 4.10 -9.58
N LEU A 459 -9.69 3.41 -9.33
CA LEU A 459 -10.45 3.40 -8.09
C LEU A 459 -11.06 2.02 -8.00
N VAL A 460 -10.99 1.41 -6.82
CA VAL A 460 -11.45 0.03 -6.64
C VAL A 460 -12.89 0.10 -6.16
N SER A 461 -13.81 -0.44 -6.94
CA SER A 461 -15.23 -0.07 -6.85
C SER A 461 -16.02 -1.03 -5.97
N VAL A 462 -16.75 -0.44 -5.02
CA VAL A 462 -17.64 -1.23 -4.18
C VAL A 462 -18.64 -2.01 -5.03
N GLN A 463 -19.17 -3.08 -4.44
CA GLN A 463 -20.30 -3.76 -5.06
C GLN A 463 -21.52 -2.85 -5.03
N GLY A 464 -22.32 -2.91 -6.08
CA GLY A 464 -23.52 -2.12 -6.20
C GLY A 464 -23.43 -1.05 -7.27
N THR A 465 -22.22 -0.57 -7.57
CA THR A 465 -22.07 0.36 -8.68
C THR A 465 -22.22 -0.38 -10.00
N THR A 466 -22.71 0.35 -11.00
CA THR A 466 -22.81 -0.09 -12.39
C THR A 466 -21.98 0.85 -13.26
N ALA A 467 -21.80 0.44 -14.53
CA ALA A 467 -21.07 1.27 -15.50
C ALA A 467 -21.64 2.67 -15.58
N ASP A 468 -22.98 2.78 -15.55
CA ASP A 468 -23.61 4.09 -15.62
C ASP A 468 -23.36 4.90 -14.35
N THR A 469 -23.62 4.30 -13.18
CA THR A 469 -23.58 5.08 -11.95
C THR A 469 -22.17 5.35 -11.44
N ASP A 470 -21.20 4.47 -11.71
CA ASP A 470 -19.90 4.58 -11.06
C ASP A 470 -19.11 5.75 -11.61
N CYS A 471 -18.75 6.68 -10.73
CA CYS A 471 -17.97 7.83 -11.20
C CYS A 471 -16.57 7.44 -11.65
N SER A 472 -16.20 6.17 -11.48
CA SER A 472 -14.95 5.66 -12.01
C SER A 472 -15.03 5.37 -13.50
N SER A 473 -16.24 5.30 -14.06
CA SER A 473 -16.32 5.09 -15.50
C SER A 473 -15.76 6.29 -16.25
N GLN A 474 -15.88 7.48 -15.67
CA GLN A 474 -15.32 8.68 -16.29
C GLN A 474 -13.85 8.86 -15.94
N LEU A 475 -13.50 8.78 -14.66
CA LEU A 475 -12.20 9.25 -14.22
C LEU A 475 -11.07 8.24 -14.45
N SER A 476 -11.38 6.95 -14.55
CA SER A 476 -10.35 5.92 -14.45
C SER A 476 -10.02 5.31 -15.81
N ASP A 477 -8.74 5.06 -16.04
CA ASP A 477 -8.30 4.35 -17.23
C ASP A 477 -8.54 2.85 -17.15
N VAL A 478 -8.60 2.27 -15.95
CA VAL A 478 -8.89 0.85 -15.77
C VAL A 478 -10.04 0.74 -14.77
N ILE A 479 -10.98 -0.15 -15.05
CA ILE A 479 -12.08 -0.44 -14.14
C ILE A 479 -11.68 -1.61 -13.24
N CYS A 480 -11.57 -1.34 -11.93
CA CYS A 480 -11.21 -2.32 -10.90
C CYS A 480 -12.43 -2.63 -10.06
N LEU A 481 -12.87 -3.88 -10.06
CA LEU A 481 -14.06 -4.30 -9.35
C LEU A 481 -13.73 -5.14 -8.11
N ASN A 482 -14.53 -4.96 -7.06
CA ASN A 482 -14.59 -5.85 -5.90
C ASN A 482 -15.99 -6.46 -5.94
N ARG A 483 -16.09 -7.73 -6.31
CA ARG A 483 -17.40 -8.36 -6.42
C ARG A 483 -17.41 -9.70 -5.70
N TYR A 484 -18.47 -9.96 -4.93
CA TYR A 484 -18.55 -11.19 -4.16
C TYR A 484 -19.78 -12.01 -4.55
N TYR A 485 -19.97 -12.22 -5.85
CA TYR A 485 -21.08 -13.04 -6.32
C TYR A 485 -20.80 -14.49 -5.91
N GLY A 486 -21.63 -15.03 -5.01
CA GLY A 486 -21.40 -16.35 -4.48
C GLY A 486 -20.94 -16.35 -3.04
N TRP A 487 -20.72 -15.17 -2.45
CA TRP A 487 -20.46 -15.06 -1.04
C TRP A 487 -21.51 -14.13 -0.48
N TYR A 488 -21.19 -12.85 -0.25
CA TYR A 488 -22.17 -11.91 0.27
C TYR A 488 -23.43 -11.89 -0.57
N PHE A 489 -23.29 -11.88 -1.90
CA PHE A 489 -24.42 -11.79 -2.82
C PHE A 489 -24.56 -13.14 -3.54
N GLY A 490 -25.50 -13.95 -3.07
CA GLY A 490 -25.91 -15.13 -3.78
C GLY A 490 -25.60 -16.43 -3.08
N GLY A 491 -24.64 -16.44 -2.16
CA GLY A 491 -24.21 -17.67 -1.55
C GLY A 491 -25.34 -18.26 -0.72
N PRO A 492 -25.48 -19.60 -0.75
CA PRO A 492 -24.59 -20.55 -1.40
C PRO A 492 -25.02 -20.97 -2.79
N ASP A 493 -25.82 -20.16 -3.49
CA ASP A 493 -26.31 -20.54 -4.80
C ASP A 493 -25.34 -20.00 -5.86
N LEU A 494 -24.41 -20.86 -6.30
CA LEU A 494 -23.42 -20.44 -7.27
C LEU A 494 -24.01 -20.35 -8.68
N GLU A 495 -25.04 -21.14 -8.97
CA GLU A 495 -25.71 -21.04 -10.26
C GLU A 495 -26.34 -19.67 -10.44
N VAL A 496 -27.18 -19.26 -9.49
CA VAL A 496 -27.79 -17.93 -9.56
C VAL A 496 -26.71 -16.85 -9.59
N SER A 497 -25.74 -16.94 -8.67
CA SER A 497 -24.69 -15.91 -8.59
C SER A 497 -23.92 -15.79 -9.90
N GLU A 498 -23.76 -16.90 -10.64
CA GLU A 498 -23.11 -16.85 -11.95
C GLU A 498 -23.86 -15.93 -12.91
N THR A 499 -25.17 -16.14 -13.08
CA THR A 499 -25.87 -15.29 -14.04
C THR A 499 -25.92 -13.84 -13.55
N GLY A 500 -25.84 -13.62 -12.24
CA GLY A 500 -25.68 -12.26 -11.76
C GLY A 500 -24.36 -11.66 -12.22
N LEU A 501 -23.26 -12.40 -12.02
CA LEU A 501 -21.95 -11.91 -12.40
C LEU A 501 -21.86 -11.67 -13.92
N ARG A 502 -22.37 -12.61 -14.72
CA ARG A 502 -22.32 -12.38 -16.16
C ARG A 502 -23.10 -11.15 -16.57
N LYS A 503 -24.25 -10.93 -15.93
CA LYS A 503 -25.13 -9.82 -16.32
C LYS A 503 -24.49 -8.48 -16.00
N GLU A 504 -23.78 -8.38 -14.87
CA GLU A 504 -23.13 -7.11 -14.56
C GLU A 504 -21.85 -6.94 -15.37
N LEU A 505 -21.10 -8.03 -15.56
CA LEU A 505 -19.83 -7.93 -16.28
C LEU A 505 -20.07 -7.56 -17.75
N SER A 506 -21.11 -8.15 -18.38
CA SER A 506 -21.47 -7.75 -19.74
C SER A 506 -21.65 -6.25 -19.84
N ASP A 507 -22.44 -5.67 -18.94
CA ASP A 507 -22.70 -4.24 -18.99
C ASP A 507 -21.43 -3.42 -18.77
N TRP A 508 -20.41 -3.97 -18.13
CA TRP A 508 -19.18 -3.18 -17.98
C TRP A 508 -18.41 -3.09 -19.28
N GLY A 509 -18.60 -4.04 -20.21
CA GLY A 509 -17.85 -4.03 -21.46
C GLY A 509 -18.17 -2.85 -22.36
N LYS A 510 -19.29 -2.17 -22.12
CA LYS A 510 -19.70 -1.09 -23.00
C LYS A 510 -18.85 0.16 -22.84
N LEU A 511 -18.00 0.23 -21.83
CA LEU A 511 -17.14 1.41 -21.69
C LEU A 511 -15.94 1.35 -22.61
N GLY A 512 -15.72 0.21 -23.29
CA GLY A 512 -14.48 -0.05 -23.98
C GLY A 512 -13.21 0.13 -23.17
N LYS A 513 -13.27 -0.01 -21.86
CA LYS A 513 -12.09 0.10 -21.04
C LYS A 513 -11.67 -1.28 -20.52
N PRO A 514 -10.44 -1.42 -20.03
CA PRO A 514 -10.04 -2.69 -19.40
C PRO A 514 -10.69 -2.83 -18.04
N VAL A 515 -11.14 -4.06 -17.75
CA VAL A 515 -11.78 -4.40 -16.48
C VAL A 515 -10.98 -5.52 -15.82
N MET A 516 -10.57 -5.32 -14.57
CA MET A 516 -10.03 -6.39 -13.76
C MET A 516 -10.78 -6.48 -12.44
N PHE A 517 -10.77 -7.66 -11.86
CA PHE A 517 -11.30 -7.88 -10.51
C PHE A 517 -10.16 -7.77 -9.50
N THR A 518 -10.23 -6.75 -8.64
CA THR A 518 -9.25 -6.62 -7.58
C THR A 518 -9.65 -7.35 -6.29
N GLU A 519 -10.87 -7.87 -6.19
CA GLU A 519 -11.30 -8.61 -5.01
C GLU A 519 -12.44 -9.54 -5.38
N TYR A 520 -12.31 -10.78 -5.01
CA TYR A 520 -13.35 -11.82 -5.07
C TYR A 520 -12.92 -12.93 -4.11
N GLY A 521 -13.80 -13.56 -3.39
CA GLY A 521 -13.38 -14.58 -2.46
C GLY A 521 -14.50 -15.02 -1.52
N ALA A 522 -14.20 -16.08 -0.79
CA ALA A 522 -15.14 -16.67 0.16
C ALA A 522 -14.37 -17.10 1.41
N ASP A 523 -14.89 -16.72 2.59
CA ASP A 523 -14.27 -17.10 3.85
C ASP A 523 -14.18 -18.60 3.97
N THR A 524 -12.99 -19.08 4.34
CA THR A 524 -12.70 -20.51 4.37
C THR A 524 -11.84 -20.81 5.58
N VAL A 525 -12.38 -21.54 6.54
CA VAL A 525 -11.63 -21.96 7.73
C VAL A 525 -10.81 -23.19 7.35
N SER A 526 -9.49 -23.03 7.33
CA SER A 526 -8.60 -24.14 6.99
C SER A 526 -8.92 -25.38 7.80
N GLY A 527 -9.18 -26.49 7.13
CA GLY A 527 -9.49 -27.74 7.77
C GLY A 527 -10.91 -28.20 7.60
N LEU A 528 -11.81 -27.31 7.19
CA LEU A 528 -13.22 -27.67 7.06
C LEU A 528 -13.46 -28.18 5.64
N HIS A 529 -14.15 -29.32 5.53
CA HIS A 529 -14.33 -30.01 4.25
C HIS A 529 -15.71 -30.67 4.20
N ASP A 530 -16.26 -30.80 3.00
CA ASP A 530 -17.31 -31.78 2.75
C ASP A 530 -17.23 -32.16 1.28
N THR A 531 -17.52 -33.43 0.97
CA THR A 531 -17.59 -33.81 -0.44
C THR A 531 -18.75 -33.12 -1.12
N THR A 532 -19.83 -32.88 -0.40
CA THR A 532 -20.90 -31.98 -0.82
C THR A 532 -20.68 -30.68 -0.05
N SER A 533 -20.08 -29.70 -0.72
CA SER A 533 -19.56 -28.53 -0.01
C SER A 533 -20.69 -27.69 0.58
N VAL A 534 -20.38 -27.01 1.68
CA VAL A 534 -21.18 -25.93 2.21
C VAL A 534 -20.26 -24.72 2.36
N MET A 535 -20.85 -23.57 2.68
CA MET A 535 -20.05 -22.38 2.85
C MET A 535 -19.06 -22.57 4.00
N TYR A 536 -17.91 -21.91 3.88
CA TYR A 536 -16.77 -21.89 4.82
C TYR A 536 -15.85 -23.10 4.66
N THR A 537 -16.18 -24.09 3.84
CA THR A 537 -15.27 -25.21 3.59
C THR A 537 -14.28 -24.86 2.49
N GLU A 538 -13.22 -25.69 2.39
CA GLU A 538 -12.24 -25.50 1.32
C GLU A 538 -12.82 -25.88 -0.03
N GLU A 539 -13.75 -26.83 -0.06
CA GLU A 539 -14.39 -27.20 -1.33
C GLU A 539 -15.19 -26.04 -1.88
N TYR A 540 -15.98 -25.37 -1.04
CA TYR A 540 -16.78 -24.26 -1.50
C TYR A 540 -15.89 -23.15 -2.07
N GLN A 541 -14.84 -22.77 -1.34
CA GLN A 541 -13.94 -21.74 -1.83
C GLN A 541 -13.42 -22.06 -3.23
N VAL A 542 -13.05 -23.32 -3.48
CA VAL A 542 -12.56 -23.70 -4.82
C VAL A 542 -13.68 -23.59 -5.85
N GLU A 543 -14.88 -24.07 -5.51
CA GLU A 543 -16.00 -24.00 -6.45
C GLU A 543 -16.35 -22.54 -6.74
N TYR A 544 -16.30 -21.69 -5.71
CA TYR A 544 -16.54 -20.26 -5.89
C TYR A 544 -15.61 -19.67 -6.94
N TYR A 545 -14.32 -19.89 -6.79
CA TYR A 545 -13.37 -19.36 -7.76
C TYR A 545 -13.52 -20.01 -9.13
N GLU A 546 -13.95 -21.28 -9.17
CA GLU A 546 -14.19 -21.90 -10.46
C GLU A 546 -15.30 -21.17 -11.21
N MET A 547 -16.41 -20.90 -10.51
CA MET A 547 -17.54 -20.23 -11.15
C MET A 547 -17.17 -18.83 -11.58
N ASN A 548 -16.61 -18.03 -10.67
CA ASN A 548 -16.17 -16.70 -11.06
C ASN A 548 -15.22 -16.75 -12.25
N ASN A 549 -14.13 -17.53 -12.15
CA ASN A 549 -13.12 -17.52 -13.21
C ASN A 549 -13.72 -17.93 -14.56
N LYS A 550 -14.67 -18.87 -14.57
CA LYS A 550 -15.34 -19.26 -15.81
C LYS A 550 -15.97 -18.06 -16.52
N VAL A 551 -16.62 -17.18 -15.75
CA VAL A 551 -17.24 -16.00 -16.33
C VAL A 551 -16.18 -14.97 -16.73
N PHE A 552 -15.08 -14.84 -15.98
CA PHE A 552 -14.04 -13.91 -16.38
C PHE A 552 -13.52 -14.25 -17.78
N ASP A 553 -13.33 -15.54 -18.04
CA ASP A 553 -12.69 -15.99 -19.27
C ASP A 553 -13.56 -15.75 -20.50
N GLU A 554 -14.80 -15.35 -20.31
CA GLU A 554 -15.75 -15.14 -21.41
C GLU A 554 -15.63 -13.77 -22.03
N PHE A 555 -14.86 -12.86 -21.45
CA PHE A 555 -14.87 -11.45 -21.83
C PHE A 555 -13.46 -10.93 -22.08
N ASP A 556 -13.13 -10.68 -23.35
CA ASP A 556 -11.79 -10.25 -23.75
C ASP A 556 -11.38 -8.92 -23.13
N PHE A 557 -12.30 -8.16 -22.55
CA PHE A 557 -11.91 -6.91 -21.92
C PHE A 557 -11.55 -7.09 -20.45
N VAL A 558 -11.74 -8.29 -19.91
CA VAL A 558 -11.22 -8.61 -18.57
C VAL A 558 -9.73 -8.92 -18.72
N VAL A 559 -8.90 -8.10 -18.07
CA VAL A 559 -7.45 -8.19 -18.22
C VAL A 559 -6.77 -8.56 -16.90
N GLY A 560 -7.50 -9.07 -15.93
CA GLY A 560 -6.86 -9.40 -14.68
C GLY A 560 -7.75 -10.00 -13.61
N GLU A 561 -7.24 -11.02 -12.93
CA GLU A 561 -7.88 -11.57 -11.74
C GLU A 561 -6.94 -11.43 -10.57
N GLN A 562 -7.44 -10.89 -9.47
CA GLN A 562 -6.68 -10.78 -8.24
C GLN A 562 -7.61 -11.21 -7.12
N ALA A 563 -7.27 -12.32 -6.46
CA ALA A 563 -8.12 -12.87 -5.42
C ALA A 563 -8.00 -12.06 -4.15
N TRP A 564 -9.04 -12.14 -3.33
CA TRP A 564 -8.98 -11.59 -1.98
C TRP A 564 -9.21 -12.74 -1.02
N ASN A 565 -8.28 -12.94 -0.09
CA ASN A 565 -7.03 -12.20 0.01
C ASN A 565 -5.87 -13.20 -0.19
N PHE A 566 -4.63 -12.71 -0.23
CA PHE A 566 -3.47 -13.58 -0.24
C PHE A 566 -3.45 -14.48 0.99
N ALA A 567 -3.79 -13.93 2.15
CA ALA A 567 -3.64 -14.66 3.41
C ALA A 567 -4.61 -14.12 4.46
N ASP A 568 -5.04 -15.03 5.34
CA ASP A 568 -5.91 -14.65 6.45
C ASP A 568 -5.24 -13.57 7.30
N PHE A 569 -6.04 -12.58 7.71
CA PHE A 569 -5.53 -11.40 8.36
C PHE A 569 -6.51 -10.95 9.44
N ALA A 570 -6.00 -10.15 10.38
CA ALA A 570 -6.77 -9.80 11.55
C ALA A 570 -7.69 -8.62 11.27
N THR A 571 -8.86 -8.64 11.91
CA THR A 571 -9.87 -7.60 11.82
C THR A 571 -10.41 -7.31 13.22
N SER A 572 -11.30 -6.33 13.30
CA SER A 572 -12.04 -6.11 14.53
C SER A 572 -13.03 -7.24 14.73
N GLN A 573 -13.43 -7.45 15.98
CA GLN A 573 -14.31 -8.55 16.30
C GLN A 573 -15.73 -8.27 15.88
N SER A 574 -16.42 -9.32 15.45
CA SER A 574 -17.76 -9.22 14.90
C SER A 574 -18.29 -10.62 14.65
N LEU A 575 -19.62 -10.76 14.62
CA LEU A 575 -20.22 -12.05 14.31
C LEU A 575 -19.75 -12.61 12.97
N LEU A 576 -19.45 -11.74 12.00
CA LEU A 576 -19.15 -12.13 10.63
C LEU A 576 -17.69 -12.49 10.40
N ARG A 577 -16.87 -12.48 11.44
CA ARG A 577 -15.43 -12.62 11.29
C ARG A 577 -14.93 -13.72 12.23
N VAL A 578 -14.60 -14.87 11.66
CA VAL A 578 -14.15 -16.02 12.45
C VAL A 578 -12.66 -15.91 12.76
N GLN A 579 -12.34 -15.19 13.83
CA GLN A 579 -10.95 -14.89 14.21
C GLN A 579 -10.21 -14.24 13.05
N GLY A 580 -10.81 -13.18 12.51
CA GLY A 580 -10.20 -12.45 11.43
C GLY A 580 -10.91 -12.72 10.11
N ASN A 581 -10.37 -12.13 9.06
CA ASN A 581 -10.88 -12.40 7.75
C ASN A 581 -10.26 -13.70 7.25
N LYS A 582 -11.10 -14.64 6.81
CA LYS A 582 -10.63 -15.96 6.43
C LYS A 582 -10.70 -16.19 4.92
N LYS A 583 -10.77 -15.13 4.14
CA LYS A 583 -10.86 -15.25 2.68
C LYS A 583 -9.51 -15.51 2.04
N GLY A 584 -8.47 -15.79 2.82
CA GLY A 584 -7.16 -15.93 2.23
C GLY A 584 -7.00 -17.22 1.47
N LEU A 585 -6.15 -17.18 0.45
CA LEU A 585 -5.78 -18.43 -0.21
C LEU A 585 -4.83 -19.22 0.66
N PHE A 586 -4.02 -18.52 1.47
CA PHE A 586 -3.14 -19.11 2.46
C PHE A 586 -3.60 -18.67 3.84
N THR A 587 -3.19 -19.42 4.86
CA THR A 587 -3.45 -19.06 6.26
C THR A 587 -2.56 -17.90 6.67
N ARG A 588 -2.75 -17.38 7.89
CA ARG A 588 -1.92 -16.25 8.32
C ARG A 588 -0.45 -16.62 8.42
N ASP A 589 -0.13 -17.90 8.66
CA ASP A 589 1.25 -18.35 8.64
C ASP A 589 1.62 -18.91 7.28
N ARG A 590 0.91 -18.50 6.23
CA ARG A 590 1.29 -18.70 4.85
C ARG A 590 1.19 -20.15 4.41
N LYS A 591 0.48 -20.98 5.16
CA LYS A 591 0.28 -22.36 4.73
C LYS A 591 -0.90 -22.42 3.76
N PRO A 592 -0.77 -23.20 2.68
CA PRO A 592 -1.77 -23.15 1.61
C PRO A 592 -3.05 -23.90 1.97
N LYS A 593 -4.19 -23.27 1.70
CA LYS A 593 -5.45 -23.98 1.62
C LYS A 593 -5.58 -24.64 0.24
N MET A 594 -6.58 -25.52 0.11
CA MET A 594 -6.75 -26.24 -1.15
C MET A 594 -6.88 -25.29 -2.34
N VAL A 595 -7.50 -24.12 -2.15
CA VAL A 595 -7.68 -23.20 -3.27
C VAL A 595 -6.33 -22.74 -3.81
N ALA A 596 -5.29 -22.73 -2.97
CA ALA A 596 -4.01 -22.20 -3.41
C ALA A 596 -3.36 -23.12 -4.44
N HIS A 597 -3.65 -24.42 -4.34
CA HIS A 597 -3.24 -25.36 -5.38
C HIS A 597 -4.14 -25.27 -6.60
N TYR A 598 -5.42 -24.96 -6.41
CA TYR A 598 -6.27 -24.71 -7.57
C TYR A 598 -5.72 -23.54 -8.39
N PHE A 599 -5.50 -22.39 -7.75
CA PHE A 599 -5.02 -21.23 -8.48
C PHE A 599 -3.65 -21.48 -9.11
N ARG A 600 -2.76 -22.17 -8.38
CA ARG A 600 -1.45 -22.49 -8.93
C ARG A 600 -1.56 -23.28 -10.22
N ASN A 601 -2.52 -24.21 -10.27
CA ASN A 601 -2.69 -24.98 -11.49
C ASN A 601 -3.29 -24.14 -12.62
N ARG A 602 -4.26 -23.28 -12.30
CA ARG A 602 -4.84 -22.41 -13.31
C ARG A 602 -3.79 -21.40 -13.80
N TRP A 603 -3.22 -20.63 -12.88
CA TRP A 603 -2.26 -19.62 -13.29
C TRP A 603 -1.06 -20.21 -14.01
N SER A 604 -0.84 -21.53 -13.91
CA SER A 604 0.28 -22.14 -14.63
C SER A 604 0.01 -22.23 -16.12
N ALA A 605 -1.25 -22.42 -16.51
CA ALA A 605 -1.65 -22.49 -17.89
C ALA A 605 -2.04 -21.10 -18.46
N ILE A 606 -1.80 -20.01 -17.72
CA ILE A 606 -2.17 -18.67 -18.17
C ILE A 606 -0.89 -17.83 -18.24
N PRO A 607 -0.55 -17.25 -19.39
CA PRO A 607 0.71 -16.51 -19.52
C PRO A 607 0.61 -15.12 -18.92
N GLU A 608 1.76 -14.45 -18.83
CA GLU A 608 1.72 -13.05 -18.42
C GLU A 608 1.26 -12.15 -19.56
N PHE A 609 1.60 -12.48 -20.81
CA PHE A 609 1.32 -11.61 -21.93
C PHE A 609 0.55 -12.36 -23.02
N GLY A 610 -0.43 -11.68 -23.59
CA GLY A 610 -1.21 -12.26 -24.67
C GLY A 610 -2.11 -13.38 -24.23
N TYR A 611 -2.66 -13.30 -23.01
CA TYR A 611 -3.52 -14.36 -22.49
C TYR A 611 -4.61 -14.64 -23.52
N LYS A 612 -5.49 -13.67 -23.75
CA LYS A 612 -6.40 -13.73 -24.90
C LYS A 612 -6.43 -12.37 -25.57
N THR A 613 -6.17 -12.37 -26.88
CA THR A 613 -5.95 -11.14 -27.62
C THR A 613 -7.00 -10.86 -28.71
C10 FUV B . -14.15 -8.79 2.66
C15 FUV B . -16.92 -4.70 3.05
C14 FUV B . -15.70 -5.39 2.43
C02 FUV B . -12.03 -5.68 2.03
C03 FUV B . -12.98 -4.92 1.16
C05 FUV B . -14.19 -5.70 0.58
C07 FUV B . -13.33 -7.74 1.87
C08 FUV B . -12.71 -6.71 2.83
C17 FUV B . -17.85 -4.59 0.80
C18 FUV B . -16.68 -5.46 0.30
C19 FUV B . -19.55 -4.96 2.77
C21 FUV B . -21.77 -5.12 2.48
C22 FUV B . -22.41 -4.59 3.41
C24 FUV B . -21.07 -4.89 5.17
C25 FUV B . -19.87 -5.22 4.39
C26 FUV B . -18.88 -5.93 5.08
C27 FUV B . -18.96 -6.27 6.44
C29 FUV B . -20.13 -5.92 7.18
C30 FUV B . -21.18 -5.25 6.53
C31 FUV B . -23.74 -4.85 3.76
C32 FUV B . -24.31 -5.41 2.61
C33 FUV B . -23.60 -5.74 1.42
C34 FUV B . -22.22 -5.55 1.23
N13 FUV B . -15.49 -5.10 1.04
N16 FUV B . -18.15 -4.77 2.24
N20 FUV B . -20.60 -4.99 1.79
O01 FUV B . -11.30 -4.85 2.91
O04 FUV B . -12.26 -4.37 0.09
O06 FUV B . -14.19 -7.17 0.80
O09 FUV B . -11.81 -7.32 3.73
O11 FUV B . -15.34 -8.52 2.97
O12 FUV B . -13.60 -9.91 2.95
O23 FUV B . -22.33 -4.21 4.73
CL1 FUV B . -17.60 -7.13 7.25
CL CL C . -6.26 -6.20 -5.41
NA NA D . -11.12 -16.39 -1.01
#